data_7V1C
#
_entry.id   7V1C
#
_cell.length_a   35.253
_cell.length_b   91.102
_cell.length_c   45.901
_cell.angle_alpha   90.000
_cell.angle_beta   91.310
_cell.angle_gamma   90.000
#
_symmetry.space_group_name_H-M   'P 1 21 1'
#
loop_
_entity.id
_entity.type
_entity.pdbx_description
1 polymer 'Core protein'
2 non-polymer DI(HYDROXYETHYL)ETHER
3 non-polymer GLYCEROL
4 non-polymer SINEFUNGIN
5 water water
#
_entity_poly.entity_id   1
_entity_poly.type   'polypeptide(L)'
_entity_poly.pdbx_seq_one_letter_code
;MTLGDLWKRRLNNCTKEEFFAYRRTGILETERDKARELLRKGETNMGLAVSRGTAKLAWLEERGYVNLKGEVVDLGCGRG
GWSYYAASRPAVMGVKAYTIGGKGHEAPKMVTSLGWNLIKFRAGMDVFTMQPHRADTVMCDIGESSPDAAIEGERTRKVI
LLMEQWKNRNPSASCVFKVLAPYRPEVIEALHRFQLQWGGGLVRTPFSRNSTHEMYYSTAISGNIVNSVNVQSRKLLARF
GDQRGPIRVPEMDLGVGTRHHHHHH
;
_entity_poly.pdbx_strand_id   A
#
loop_
_chem_comp.id
_chem_comp.type
_chem_comp.name
_chem_comp.formula
GOL non-polymer GLYCEROL 'C3 H8 O3'
PEG non-polymer DI(HYDROXYETHYL)ETHER 'C4 H10 O3'
SFG non-polymer SINEFUNGIN 'C15 H23 N7 O5'
#
# COMPACT_ATOMS: atom_id res chain seq x y z
N MET A 1 20.87 16.25 3.54
CA MET A 1 20.13 15.34 4.41
C MET A 1 18.80 15.93 4.87
N THR A 2 17.79 15.08 5.00
CA THR A 2 16.40 15.47 5.25
C THR A 2 15.98 15.05 6.65
N LEU A 3 14.81 15.57 7.08
CA LEU A 3 14.24 15.11 8.35
C LEU A 3 13.94 13.62 8.31
N GLY A 4 13.50 13.09 7.17
CA GLY A 4 13.25 11.66 7.08
C GLY A 4 14.51 10.84 7.27
N ASP A 5 15.63 11.31 6.72
CA ASP A 5 16.90 10.62 6.97
C ASP A 5 17.21 10.56 8.46
N LEU A 6 16.94 11.67 9.18
CA LEU A 6 17.13 11.70 10.62
C LEU A 6 16.19 10.74 11.35
N TRP A 7 14.92 10.70 10.93
CA TRP A 7 13.98 9.74 11.50
C TRP A 7 14.50 8.31 11.32
N LYS A 8 15.04 7.99 10.14
CA LYS A 8 15.59 6.65 9.92
C LYS A 8 16.72 6.34 10.90
N ARG A 9 17.67 7.26 11.07
CA ARG A 9 18.78 7.01 11.98
C ARG A 9 18.30 6.81 13.41
N ARG A 10 17.31 7.61 13.85
CA ARG A 10 16.79 7.46 15.20
C ARG A 10 16.07 6.12 15.37
N LEU A 11 15.35 5.69 14.32
CA LEU A 11 14.69 4.40 14.35
C LEU A 11 15.69 3.26 14.49
N ASN A 12 16.79 3.32 13.73
CA ASN A 12 17.80 2.25 13.79
C ASN A 12 18.56 2.26 15.11
N ASN A 13 18.59 3.38 15.81
CA ASN A 13 19.25 3.49 17.10
C ASN A 13 18.36 3.08 18.25
N CYS A 14 17.13 2.66 17.97
CA CYS A 14 16.20 2.19 19.00
C CYS A 14 16.64 0.84 19.52
N THR A 15 16.50 0.64 20.83
CA THR A 15 16.54 -0.72 21.34
C THR A 15 15.30 -1.46 20.88
N LYS A 16 15.29 -2.77 21.09
CA LYS A 16 14.14 -3.55 20.67
C LYS A 16 12.90 -3.12 21.46
N GLU A 17 13.06 -2.78 22.75
CA GLU A 17 11.92 -2.29 23.51
C GLU A 17 11.43 -0.96 22.97
N GLU A 18 12.36 -0.02 22.73
CA GLU A 18 12.00 1.26 22.13
C GLU A 18 11.31 1.07 20.79
N PHE A 19 11.79 0.11 19.99
CA PHE A 19 11.20 -0.15 18.67
C PHE A 19 9.75 -0.61 18.80
N PHE A 20 9.50 -1.65 19.62
CA PHE A 20 8.14 -2.19 19.71
C PHE A 20 7.16 -1.14 20.23
N ALA A 21 7.60 -0.26 21.13
CA ALA A 21 6.70 0.77 21.65
C ALA A 21 6.47 1.87 20.63
N TYR A 22 7.51 2.21 19.87
CA TYR A 22 7.39 3.33 18.93
C TYR A 22 6.53 2.96 17.73
N ARG A 23 6.66 1.71 17.23
CA ARG A 23 6.03 1.32 15.96
C ARG A 23 4.51 1.37 16.01
N ARG A 24 3.89 1.10 17.16
CA ARG A 24 2.44 1.02 17.22
C ARG A 24 1.78 2.21 17.91
N THR A 25 2.53 3.17 18.43
CA THR A 25 1.92 4.21 19.26
C THR A 25 1.05 5.14 18.44
N GLY A 26 -0.20 5.29 18.88
CA GLY A 26 -1.13 6.20 18.27
C GLY A 26 -1.71 5.76 16.94
N ILE A 27 -1.35 4.57 16.43
CA ILE A 27 -1.82 4.15 15.12
C ILE A 27 -3.11 3.35 15.24
N LEU A 28 -3.91 3.37 14.17
CA LEU A 28 -5.07 2.49 14.07
C LEU A 28 -4.61 1.09 13.71
N GLU A 29 -5.14 0.09 14.40
CA GLU A 29 -4.77 -1.30 14.19
C GLU A 29 -6.03 -2.15 14.17
N THR A 30 -6.27 -2.87 13.07
CA THR A 30 -7.45 -3.73 13.01
C THR A 30 -7.27 -4.92 13.93
N GLU A 31 -8.37 -5.38 14.51
CA GLU A 31 -8.35 -6.52 15.42
C GLU A 31 -8.47 -7.80 14.60
N ARG A 32 -7.37 -8.54 14.48
CA ARG A 32 -7.26 -9.64 13.52
C ARG A 32 -7.31 -11.02 14.14
N ASP A 33 -7.65 -11.12 15.44
CA ASP A 33 -7.62 -12.42 16.11
C ASP A 33 -8.51 -13.45 15.42
N LYS A 34 -9.77 -13.11 15.13
CA LYS A 34 -10.62 -14.05 14.41
C LYS A 34 -10.06 -14.35 13.02
N ALA A 35 -9.76 -13.30 12.24
CA ALA A 35 -9.33 -13.51 10.86
C ALA A 35 -8.05 -14.35 10.78
N ARG A 36 -7.10 -14.08 11.67
CA ARG A 36 -5.84 -14.80 11.62
C ARG A 36 -6.05 -16.29 11.87
N GLU A 37 -6.93 -16.64 12.80
CA GLU A 37 -7.12 -18.08 13.04
C GLU A 37 -7.92 -18.74 11.92
N LEU A 38 -8.87 -18.03 11.29
CA LEU A 38 -9.56 -18.62 10.13
C LEU A 38 -8.57 -18.90 9.01
N LEU A 39 -7.66 -17.97 8.75
CA LEU A 39 -6.64 -18.20 7.74
C LEU A 39 -5.69 -19.31 8.15
N ARG A 40 -5.42 -19.44 9.45
CA ARG A 40 -4.52 -20.49 9.91
C ARG A 40 -5.11 -21.87 9.69
N LYS A 41 -6.40 -22.05 9.97
CA LYS A 41 -7.03 -23.35 9.76
C LYS A 41 -7.43 -23.57 8.32
N GLY A 42 -7.24 -22.58 7.44
CA GLY A 42 -7.47 -22.79 6.02
C GLY A 42 -8.91 -22.65 5.60
N GLU A 43 -9.68 -21.78 6.26
CA GLU A 43 -11.08 -21.57 5.92
C GLU A 43 -11.18 -20.69 4.67
N THR A 44 -11.79 -21.22 3.61
CA THR A 44 -11.92 -20.46 2.37
C THR A 44 -13.18 -19.60 2.32
N ASN A 45 -14.23 -19.96 3.07
CA ASN A 45 -15.44 -19.15 3.08
C ASN A 45 -15.29 -18.07 4.14
N MET A 46 -14.71 -16.94 3.77
CA MET A 46 -14.60 -15.84 4.73
C MET A 46 -14.44 -14.54 3.99
N GLY A 47 -14.97 -13.49 4.59
CA GLY A 47 -14.95 -12.15 4.03
C GLY A 47 -14.09 -11.23 4.87
N LEU A 48 -13.64 -11.71 6.04
CA LEU A 48 -12.70 -10.93 6.83
C LEU A 48 -11.42 -10.70 6.04
N ALA A 49 -10.79 -9.55 6.28
CA ALA A 49 -9.65 -9.15 5.47
C ALA A 49 -8.52 -10.18 5.56
N VAL A 50 -7.94 -10.55 4.41
CA VAL A 50 -6.82 -11.49 4.37
C VAL A 50 -5.51 -10.90 4.86
N SER A 51 -5.47 -9.57 5.02
CA SER A 51 -4.26 -8.84 5.39
C SER A 51 -4.66 -7.49 5.96
N ARG A 52 -3.68 -6.81 6.57
CA ARG A 52 -3.88 -5.44 7.02
C ARG A 52 -3.95 -4.43 5.86
N GLY A 53 -3.70 -4.86 4.64
CA GLY A 53 -3.80 -3.94 3.51
C GLY A 53 -5.22 -3.52 3.21
N THR A 54 -6.20 -4.39 3.45
CA THR A 54 -7.58 -4.11 3.02
C THR A 54 -8.11 -2.81 3.63
N ALA A 55 -7.93 -2.64 4.95
CA ALA A 55 -8.45 -1.44 5.61
C ALA A 55 -7.69 -0.20 5.17
N LYS A 56 -6.41 -0.34 4.81
CA LYS A 56 -5.63 0.79 4.35
C LYS A 56 -6.19 1.35 3.05
N LEU A 57 -6.45 0.46 2.09
CA LEU A 57 -7.02 0.91 0.82
C LEU A 57 -8.46 1.36 1.00
N ALA A 58 -9.20 0.76 1.93
CA ALA A 58 -10.58 1.17 2.17
C ALA A 58 -10.62 2.59 2.72
N TRP A 59 -9.69 2.91 3.64
CA TRP A 59 -9.60 4.28 4.15
C TRP A 59 -9.39 5.27 3.02
N LEU A 60 -8.45 4.97 2.12
CA LEU A 60 -8.16 5.88 1.01
C LEU A 60 -9.41 6.09 0.15
N GLU A 61 -10.16 5.03 -0.10
N GLU A 61 -10.14 5.02 -0.12
CA GLU A 61 -11.35 5.15 -0.93
CA GLU A 61 -11.35 5.16 -0.93
C GLU A 61 -12.46 5.88 -0.18
C GLU A 61 -12.44 5.91 -0.17
N GLU A 62 -12.63 5.56 1.11
CA GLU A 62 -13.68 6.20 1.91
C GLU A 62 -13.40 7.70 2.06
N ARG A 63 -12.13 8.08 2.08
CA ARG A 63 -11.76 9.50 2.13
C ARG A 63 -11.94 10.19 0.79
N GLY A 64 -12.08 9.44 -0.30
CA GLY A 64 -12.14 10.05 -1.62
C GLY A 64 -10.79 10.27 -2.24
N TYR A 65 -9.75 9.62 -1.71
CA TYR A 65 -8.39 9.85 -2.19
C TYR A 65 -7.99 8.90 -3.32
N VAL A 66 -8.79 7.88 -3.60
CA VAL A 66 -8.53 7.01 -4.74
C VAL A 66 -9.84 6.73 -5.44
N ASN A 67 -9.75 6.57 -6.76
CA ASN A 67 -10.84 6.13 -7.61
C ASN A 67 -10.53 4.71 -8.05
N LEU A 68 -11.39 3.76 -7.67
CA LEU A 68 -11.23 2.36 -8.04
C LEU A 68 -12.37 2.01 -8.97
N LYS A 69 -12.04 1.73 -10.23
CA LYS A 69 -13.10 1.61 -11.23
C LYS A 69 -12.60 0.79 -12.40
N GLY A 70 -13.53 0.12 -13.08
CA GLY A 70 -13.22 -0.58 -14.33
C GLY A 70 -12.31 -1.77 -14.13
N GLU A 71 -11.35 -1.91 -15.04
CA GLU A 71 -10.39 -3.02 -15.00
C GLU A 71 -9.21 -2.60 -14.15
N VAL A 72 -9.06 -3.24 -13.01
CA VAL A 72 -8.04 -2.92 -12.03
C VAL A 72 -6.88 -3.89 -12.18
N VAL A 73 -5.65 -3.40 -12.05
CA VAL A 73 -4.49 -4.27 -11.89
C VAL A 73 -3.88 -3.99 -10.53
N ASP A 74 -3.56 -5.06 -9.80
CA ASP A 74 -2.93 -5.00 -8.48
C ASP A 74 -1.51 -5.52 -8.67
N LEU A 75 -0.53 -4.61 -8.68
CA LEU A 75 0.87 -4.96 -8.94
C LEU A 75 1.57 -5.18 -7.61
N GLY A 76 1.89 -6.45 -7.30
CA GLY A 76 2.48 -6.78 -6.01
C GLY A 76 1.38 -7.06 -5.01
N CYS A 77 0.52 -8.04 -5.33
CA CYS A 77 -0.72 -8.19 -4.57
C CYS A 77 -0.52 -8.92 -3.25
N GLY A 78 0.57 -9.68 -3.10
CA GLY A 78 0.78 -10.45 -1.87
C GLY A 78 -0.38 -11.37 -1.58
N ARG A 79 -0.79 -11.43 -0.29
CA ARG A 79 -1.96 -12.20 0.11
C ARG A 79 -3.23 -11.75 -0.61
N GLY A 80 -3.28 -10.50 -1.06
CA GLY A 80 -4.40 -10.04 -1.85
C GLY A 80 -5.37 -9.08 -1.18
N GLY A 81 -4.96 -8.40 -0.10
CA GLY A 81 -5.88 -7.53 0.62
C GLY A 81 -6.44 -6.40 -0.24
N TRP A 82 -5.63 -5.84 -1.12
CA TRP A 82 -6.08 -4.81 -2.04
C TRP A 82 -6.91 -5.40 -3.17
N SER A 83 -6.52 -6.59 -3.64
CA SER A 83 -7.29 -7.26 -4.70
C SER A 83 -8.71 -7.57 -4.26
N TYR A 84 -8.85 -8.15 -3.07
CA TYR A 84 -10.19 -8.47 -2.58
C TYR A 84 -11.00 -7.22 -2.28
N TYR A 85 -10.35 -6.16 -1.78
CA TYR A 85 -11.08 -4.92 -1.58
C TYR A 85 -11.62 -4.38 -2.90
N ALA A 86 -10.75 -4.29 -3.91
CA ALA A 86 -11.21 -3.76 -5.19
C ALA A 86 -12.32 -4.63 -5.79
N ALA A 87 -12.21 -5.94 -5.66
CA ALA A 87 -13.19 -6.82 -6.27
C ALA A 87 -14.56 -6.67 -5.64
N SER A 88 -14.62 -6.24 -4.37
CA SER A 88 -15.88 -6.00 -3.68
C SER A 88 -16.53 -4.68 -4.05
N ARG A 89 -15.87 -3.81 -4.80
N ARG A 89 -15.84 -3.78 -4.79
CA ARG A 89 -16.41 -2.49 -5.12
CA ARG A 89 -16.40 -2.48 -5.14
C ARG A 89 -17.26 -2.56 -6.39
C ARG A 89 -17.27 -2.59 -6.39
N PRO A 90 -18.52 -2.15 -6.34
CA PRO A 90 -19.39 -2.28 -7.53
C PRO A 90 -18.88 -1.59 -8.79
N ALA A 91 -18.14 -0.49 -8.69
CA ALA A 91 -17.61 0.14 -9.90
C ALA A 91 -16.46 -0.64 -10.53
N VAL A 92 -15.94 -1.66 -9.86
CA VAL A 92 -14.82 -2.46 -10.39
C VAL A 92 -15.38 -3.64 -11.20
N MET A 93 -14.94 -3.76 -12.44
CA MET A 93 -15.39 -4.86 -13.29
C MET A 93 -14.48 -6.09 -13.22
N GLY A 94 -13.20 -5.90 -12.97
CA GLY A 94 -12.26 -7.00 -12.98
C GLY A 94 -10.96 -6.59 -12.30
N VAL A 95 -10.23 -7.59 -11.78
CA VAL A 95 -8.94 -7.39 -11.13
C VAL A 95 -7.96 -8.40 -11.70
N LYS A 96 -6.84 -7.92 -12.21
CA LYS A 96 -5.72 -8.80 -12.57
C LYS A 96 -4.64 -8.51 -11.54
N ALA A 97 -4.42 -9.47 -10.64
CA ALA A 97 -3.50 -9.32 -9.53
C ALA A 97 -2.25 -10.15 -9.81
N TYR A 98 -1.09 -9.61 -9.47
CA TYR A 98 0.19 -10.26 -9.76
C TYR A 98 1.10 -10.16 -8.53
N THR A 99 1.78 -11.24 -8.20
CA THR A 99 2.79 -11.14 -7.13
C THR A 99 3.87 -12.18 -7.37
N ILE A 100 5.07 -11.90 -6.84
CA ILE A 100 6.22 -12.76 -7.11
C ILE A 100 6.11 -14.06 -6.33
N GLY A 101 5.63 -14.01 -5.08
CA GLY A 101 5.57 -15.23 -4.28
C GLY A 101 6.95 -15.84 -4.05
N GLY A 102 6.96 -17.14 -3.79
CA GLY A 102 8.22 -17.83 -3.57
C GLY A 102 8.76 -17.65 -2.16
N LYS A 103 10.00 -18.09 -1.97
CA LYS A 103 10.59 -18.17 -0.64
C LYS A 103 10.59 -16.81 0.05
N GLY A 104 9.98 -16.74 1.23
CA GLY A 104 9.98 -15.53 2.02
C GLY A 104 8.99 -14.46 1.61
N HIS A 105 8.12 -14.72 0.63
CA HIS A 105 7.14 -13.75 0.15
C HIS A 105 5.76 -14.37 0.11
N GLU A 106 4.72 -13.54 0.30
CA GLU A 106 3.36 -14.03 0.46
C GLU A 106 2.71 -14.36 -0.88
N ALA A 107 2.12 -15.54 -0.95
CA ALA A 107 1.30 -15.93 -2.09
C ALA A 107 -0.14 -15.48 -1.84
N PRO A 108 -0.96 -15.38 -2.89
CA PRO A 108 -2.37 -15.00 -2.68
C PRO A 108 -3.07 -15.93 -1.70
N LYS A 109 -3.81 -15.35 -0.78
CA LYS A 109 -4.76 -16.11 0.01
C LYS A 109 -6.01 -16.32 -0.83
N MET A 110 -6.46 -17.58 -0.94
CA MET A 110 -7.63 -17.95 -1.76
C MET A 110 -8.88 -18.08 -0.90
N VAL A 111 -9.80 -17.13 -1.05
CA VAL A 111 -11.05 -17.09 -0.28
C VAL A 111 -12.20 -16.67 -1.19
N THR A 112 -13.43 -16.80 -0.67
CA THR A 112 -14.64 -16.44 -1.39
C THR A 112 -15.16 -15.04 -1.04
N SER A 113 -14.29 -14.17 -0.55
CA SER A 113 -14.63 -12.77 -0.29
C SER A 113 -15.35 -12.18 -1.49
N LEU A 114 -16.31 -11.27 -1.23
CA LEU A 114 -17.25 -10.81 -2.24
C LEU A 114 -16.53 -10.32 -3.49
N GLY A 115 -16.88 -10.90 -4.64
CA GLY A 115 -16.26 -10.52 -5.89
C GLY A 115 -15.03 -11.31 -6.26
N TRP A 116 -14.69 -12.35 -5.49
CA TRP A 116 -13.47 -13.12 -5.73
C TRP A 116 -13.42 -13.70 -7.15
N ASN A 117 -14.58 -13.96 -7.77
CA ASN A 117 -14.55 -14.57 -9.10
C ASN A 117 -14.12 -13.58 -10.18
N LEU A 118 -14.10 -12.28 -9.89
CA LEU A 118 -13.60 -11.28 -10.80
C LEU A 118 -12.09 -11.08 -10.70
N ILE A 119 -11.42 -11.80 -9.81
CA ILE A 119 -9.98 -11.68 -9.65
C ILE A 119 -9.30 -12.80 -10.40
N LYS A 120 -8.28 -12.45 -11.19
CA LYS A 120 -7.37 -13.42 -11.79
C LYS A 120 -6.04 -13.25 -11.09
N PHE A 121 -5.70 -14.18 -10.19
CA PHE A 121 -4.46 -14.17 -9.44
C PHE A 121 -3.36 -14.86 -10.26
N ARG A 122 -2.18 -14.25 -10.31
CA ARG A 122 -1.02 -14.85 -10.98
C ARG A 122 0.18 -14.72 -10.05
N ALA A 123 0.57 -15.82 -9.43
CA ALA A 123 1.77 -15.84 -8.62
C ALA A 123 2.96 -16.21 -9.49
N GLY A 124 4.16 -16.02 -8.95
CA GLY A 124 5.37 -16.27 -9.71
C GLY A 124 5.69 -15.22 -10.76
N MET A 125 5.12 -14.03 -10.65
CA MET A 125 5.25 -13.01 -11.68
C MET A 125 6.06 -11.84 -11.11
N ASP A 126 7.17 -11.50 -11.75
CA ASP A 126 7.88 -10.27 -11.42
C ASP A 126 7.27 -9.13 -12.22
N VAL A 127 6.68 -8.16 -11.51
CA VAL A 127 6.03 -7.07 -12.23
C VAL A 127 7.03 -6.10 -12.82
N PHE A 128 8.27 -6.06 -12.33
CA PHE A 128 9.19 -5.07 -12.89
C PHE A 128 9.61 -5.42 -14.32
N THR A 129 9.45 -6.67 -14.74
CA THR A 129 9.76 -7.06 -16.10
C THR A 129 8.54 -7.52 -16.88
N MET A 130 7.34 -7.31 -16.34
CA MET A 130 6.12 -7.64 -17.05
C MET A 130 5.71 -6.49 -17.96
N GLN A 131 5.32 -6.82 -19.19
CA GLN A 131 4.87 -5.79 -20.10
C GLN A 131 3.52 -5.26 -19.62
N PRO A 132 3.32 -3.94 -19.60
CA PRO A 132 2.01 -3.40 -19.20
C PRO A 132 0.92 -3.72 -20.20
N HIS A 133 -0.33 -3.71 -19.73
CA HIS A 133 -1.51 -3.89 -20.60
C HIS A 133 -2.59 -2.90 -20.18
N ARG A 134 -3.73 -2.98 -20.86
CA ARG A 134 -4.78 -2.00 -20.65
C ARG A 134 -5.31 -2.09 -19.22
N ALA A 135 -5.58 -0.94 -18.63
CA ALA A 135 -6.19 -0.92 -17.31
C ALA A 135 -6.77 0.45 -17.08
N ASP A 136 -7.84 0.50 -16.28
CA ASP A 136 -8.45 1.76 -15.88
C ASP A 136 -7.92 2.26 -14.55
N THR A 137 -7.60 1.34 -13.65
CA THR A 137 -7.04 1.64 -12.34
C THR A 137 -5.79 0.78 -12.14
N VAL A 138 -4.67 1.43 -11.77
CA VAL A 138 -3.41 0.74 -11.49
C VAL A 138 -3.05 0.96 -10.02
N MET A 139 -2.97 -0.14 -9.26
CA MET A 139 -2.57 -0.20 -7.86
C MET A 139 -1.18 -0.84 -7.73
N CYS A 140 -0.37 -0.36 -6.79
CA CYS A 140 0.87 -1.07 -6.48
C CYS A 140 1.23 -0.82 -5.01
N ASP A 141 1.33 -1.88 -4.22
CA ASP A 141 1.65 -1.75 -2.80
C ASP A 141 3.04 -2.32 -2.49
N ILE A 142 4.01 -2.12 -3.39
CA ILE A 142 5.33 -2.75 -3.25
C ILE A 142 6.26 -1.79 -2.52
N GLY A 143 7.07 -2.34 -1.63
CA GLY A 143 8.12 -1.59 -0.97
C GLY A 143 8.48 -2.29 0.33
N GLU A 144 9.55 -3.10 0.30
CA GLU A 144 9.98 -3.90 1.45
C GLU A 144 10.90 -3.06 2.34
N SER A 145 10.55 -2.96 3.63
CA SER A 145 11.37 -2.18 4.54
C SER A 145 12.76 -2.79 4.67
N SER A 146 13.76 -1.94 4.85
CA SER A 146 15.14 -2.31 5.13
C SER A 146 15.69 -1.32 6.13
N PRO A 147 16.57 -1.75 7.03
CA PRO A 147 17.34 -0.77 7.82
C PRO A 147 18.17 0.16 6.98
N ASP A 148 18.45 -0.19 5.72
CA ASP A 148 19.30 0.59 4.83
C ASP A 148 18.40 1.49 4.01
N ALA A 149 18.37 2.78 4.35
CA ALA A 149 17.50 3.75 3.68
C ALA A 149 17.87 3.97 2.22
N ALA A 150 19.12 3.71 1.83
CA ALA A 150 19.49 3.80 0.41
C ALA A 150 18.86 2.65 -0.38
N ILE A 151 18.84 1.44 0.20
CA ILE A 151 18.12 0.35 -0.44
C ILE A 151 16.63 0.70 -0.54
N GLU A 152 16.05 1.27 0.52
CA GLU A 152 14.63 1.63 0.47
C GLU A 152 14.36 2.68 -0.60
N GLY A 153 15.27 3.63 -0.74
CA GLY A 153 15.13 4.63 -1.78
C GLY A 153 15.16 4.00 -3.16
N GLU A 154 16.07 3.04 -3.39
CA GLU A 154 16.12 2.38 -4.68
C GLU A 154 14.87 1.55 -4.92
N ARG A 155 14.37 0.86 -3.89
CA ARG A 155 13.15 0.07 -4.05
C ARG A 155 11.97 0.98 -4.39
N THR A 156 11.91 2.15 -3.76
CA THR A 156 10.86 3.14 -4.07
C THR A 156 11.00 3.64 -5.49
N ARG A 157 12.23 3.92 -5.92
CA ARG A 157 12.44 4.43 -7.28
C ARG A 157 11.94 3.43 -8.32
N LYS A 158 12.20 2.12 -8.11
CA LYS A 158 11.72 1.11 -9.05
C LYS A 158 10.19 1.11 -9.16
N VAL A 159 9.50 1.30 -8.05
CA VAL A 159 8.02 1.36 -8.09
C VAL A 159 7.56 2.53 -8.95
N ILE A 160 8.14 3.71 -8.75
CA ILE A 160 7.68 4.87 -9.52
C ILE A 160 7.94 4.66 -11.00
N LEU A 161 9.10 4.10 -11.35
CA LEU A 161 9.38 3.81 -12.76
C LEU A 161 8.36 2.83 -13.33
N LEU A 162 7.96 1.82 -12.54
CA LEU A 162 6.88 0.94 -12.93
C LEU A 162 5.60 1.70 -13.22
N MET A 163 5.21 2.61 -12.33
N MET A 163 5.21 2.60 -12.32
CA MET A 163 3.98 3.36 -12.53
CA MET A 163 3.96 3.34 -12.54
C MET A 163 4.06 4.23 -13.77
C MET A 163 4.06 4.23 -13.78
N GLU A 164 5.24 4.77 -14.07
CA GLU A 164 5.42 5.53 -15.31
C GLU A 164 5.24 4.64 -16.53
N GLN A 165 5.69 3.38 -16.45
CA GLN A 165 5.49 2.46 -17.56
C GLN A 165 4.00 2.12 -17.73
N TRP A 166 3.28 1.96 -16.61
CA TRP A 166 1.87 1.68 -16.72
C TRP A 166 1.10 2.91 -17.17
N LYS A 167 1.56 4.11 -16.80
CA LYS A 167 0.90 5.33 -17.26
C LYS A 167 1.17 5.60 -18.74
N ASN A 168 2.34 5.21 -19.26
CA ASN A 168 2.57 5.34 -20.69
C ASN A 168 1.69 4.39 -21.49
N ARG A 169 1.39 3.20 -20.94
CA ARG A 169 0.42 2.35 -21.60
C ARG A 169 -1.00 2.90 -21.43
N ASN A 170 -1.31 3.44 -20.25
CA ASN A 170 -2.65 3.93 -19.91
C ASN A 170 -2.59 5.34 -19.35
N PRO A 171 -2.56 6.35 -20.21
CA PRO A 171 -2.34 7.72 -19.71
C PRO A 171 -3.49 8.27 -18.89
N SER A 172 -4.68 7.74 -19.08
CA SER A 172 -5.84 8.20 -18.34
C SER A 172 -6.12 7.32 -17.14
N ALA A 173 -5.24 6.36 -16.82
CA ALA A 173 -5.53 5.45 -15.71
C ALA A 173 -5.38 6.14 -14.38
N SER A 174 -6.33 5.86 -13.48
CA SER A 174 -6.18 6.18 -12.07
C SER A 174 -5.03 5.36 -11.48
N CYS A 175 -4.19 5.99 -10.64
CA CYS A 175 -3.06 5.30 -10.01
C CYS A 175 -3.08 5.49 -8.51
N VAL A 176 -2.81 4.42 -7.76
CA VAL A 176 -2.46 4.54 -6.35
C VAL A 176 -1.27 3.62 -6.08
N PHE A 177 -0.22 4.14 -5.44
CA PHE A 177 0.93 3.30 -5.20
C PHE A 177 1.67 3.69 -3.94
N LYS A 178 2.25 2.67 -3.29
CA LYS A 178 3.05 2.87 -2.09
C LYS A 178 4.33 3.59 -2.46
N VAL A 179 4.72 4.56 -1.63
CA VAL A 179 6.01 5.21 -1.73
C VAL A 179 6.75 4.96 -0.41
N LEU A 180 7.64 3.94 -0.41
CA LEU A 180 8.18 3.44 0.86
C LEU A 180 9.06 4.46 1.57
N ALA A 181 9.92 5.16 0.83
CA ALA A 181 10.92 6.05 1.41
C ALA A 181 10.80 7.41 0.74
N PRO A 182 9.75 8.17 1.04
CA PRO A 182 9.44 9.36 0.23
C PRO A 182 10.43 10.51 0.39
N TYR A 183 11.32 10.45 1.39
CA TYR A 183 12.22 11.56 1.67
C TYR A 183 13.55 11.47 0.93
N ARG A 184 13.83 10.34 0.28
CA ARG A 184 15.11 10.20 -0.39
C ARG A 184 15.15 11.08 -1.65
N PRO A 185 16.33 11.59 -2.01
CA PRO A 185 16.37 12.62 -3.07
C PRO A 185 15.98 12.09 -4.44
N GLU A 186 16.46 10.91 -4.82
CA GLU A 186 16.06 10.33 -6.09
C GLU A 186 14.57 10.01 -6.13
N VAL A 187 13.96 9.79 -4.96
CA VAL A 187 12.51 9.56 -4.90
C VAL A 187 11.75 10.86 -5.08
N ILE A 188 12.17 11.93 -4.39
CA ILE A 188 11.52 13.22 -4.58
C ILE A 188 11.62 13.65 -6.03
N GLU A 189 12.78 13.44 -6.65
CA GLU A 189 12.97 13.81 -8.05
C GLU A 189 12.00 13.05 -8.94
N ALA A 190 11.85 11.76 -8.72
CA ALA A 190 10.98 10.99 -9.60
C ALA A 190 9.51 11.28 -9.33
N LEU A 191 9.16 11.62 -8.08
CA LEU A 191 7.77 11.97 -7.79
C LEU A 191 7.39 13.32 -8.39
N HIS A 192 8.33 14.28 -8.38
N HIS A 192 8.32 14.29 -8.37
CA HIS A 192 8.07 15.57 -9.01
CA HIS A 192 8.05 15.57 -9.02
C HIS A 192 7.78 15.38 -10.49
C HIS A 192 7.80 15.40 -10.51
N ARG A 193 8.58 14.54 -11.16
CA ARG A 193 8.38 14.29 -12.59
C ARG A 193 7.03 13.63 -12.86
N PHE A 194 6.67 12.64 -12.05
CA PHE A 194 5.37 11.99 -12.19
C PHE A 194 4.24 12.99 -11.96
N GLN A 195 4.34 13.78 -10.89
CA GLN A 195 3.28 14.75 -10.59
C GLN A 195 3.11 15.77 -11.72
N LEU A 196 4.21 16.19 -12.34
CA LEU A 196 4.09 17.21 -13.39
C LEU A 196 3.38 16.67 -14.62
N GLN A 197 3.58 15.38 -14.93
CA GLN A 197 2.88 14.83 -16.09
C GLN A 197 1.46 14.38 -15.75
N TRP A 198 1.27 13.77 -14.58
CA TRP A 198 0.02 13.07 -14.27
C TRP A 198 -0.80 13.68 -13.13
N GLY A 199 -0.32 14.74 -12.49
CA GLY A 199 -0.98 15.21 -11.30
C GLY A 199 -0.80 14.22 -10.14
N GLY A 200 -1.54 14.46 -9.08
CA GLY A 200 -1.51 13.59 -7.91
C GLY A 200 -0.77 14.24 -6.74
N GLY A 201 -0.64 13.45 -5.68
CA GLY A 201 -0.09 13.92 -4.42
C GLY A 201 0.03 12.77 -3.46
N LEU A 202 0.62 13.06 -2.30
CA LEU A 202 0.93 12.04 -1.30
C LEU A 202 0.00 12.15 -0.10
N VAL A 203 -0.28 11.00 0.55
CA VAL A 203 -1.06 11.01 1.77
C VAL A 203 -0.58 9.87 2.67
N ARG A 204 -0.67 10.10 3.98
CA ARG A 204 -0.34 9.11 5.01
C ARG A 204 -1.62 8.44 5.50
N THR A 205 -1.63 7.01 5.53
CA THR A 205 -2.82 6.41 6.13
C THR A 205 -2.59 6.23 7.63
N PRO A 206 -3.66 6.23 8.43
CA PRO A 206 -3.52 6.09 9.89
C PRO A 206 -3.23 4.67 10.33
N PHE A 207 -3.24 3.71 9.41
CA PHE A 207 -2.89 2.33 9.73
C PHE A 207 -1.41 2.06 9.59
N SER A 208 -0.67 2.95 8.93
CA SER A 208 0.77 2.74 8.77
C SER A 208 1.49 2.88 10.11
N ARG A 209 2.43 1.97 10.36
CA ARG A 209 3.18 1.98 11.61
C ARG A 209 4.20 3.11 11.58
N ASN A 210 4.56 3.59 12.78
CA ASN A 210 5.54 4.67 12.86
C ASN A 210 6.93 4.21 12.43
N SER A 211 7.17 2.90 12.46
CA SER A 211 8.40 2.32 11.96
C SER A 211 8.53 2.36 10.44
N THR A 212 7.52 2.84 9.71
CA THR A 212 7.68 3.02 8.27
C THR A 212 7.28 4.43 7.87
N HIS A 213 8.07 5.02 6.97
CA HIS A 213 7.77 6.34 6.41
C HIS A 213 6.85 6.25 5.20
N GLU A 214 6.23 5.10 4.97
CA GLU A 214 5.45 4.88 3.77
C GLU A 214 4.35 5.94 3.67
N MET A 215 4.19 6.47 2.46
CA MET A 215 3.09 7.35 2.09
C MET A 215 2.55 6.82 0.77
N TYR A 216 1.30 7.13 0.49
CA TYR A 216 0.67 6.60 -0.71
C TYR A 216 0.42 7.73 -1.70
N TYR A 217 0.88 7.53 -2.93
CA TYR A 217 0.64 8.50 -3.98
C TYR A 217 -0.62 8.11 -4.76
N SER A 218 -1.46 9.09 -5.05
CA SER A 218 -2.67 8.83 -5.83
C SER A 218 -2.89 9.96 -6.82
N THR A 219 -3.27 9.60 -8.04
CA THR A 219 -3.63 10.63 -9.02
C THR A 219 -4.87 11.43 -8.62
N ALA A 220 -5.62 11.00 -7.61
CA ALA A 220 -6.87 11.69 -7.28
C ALA A 220 -6.72 12.81 -6.26
N ILE A 221 -5.54 13.01 -5.70
CA ILE A 221 -5.34 14.10 -4.75
C ILE A 221 -4.29 15.06 -5.31
N SER A 222 -3.93 16.07 -4.53
CA SER A 222 -2.91 17.05 -4.92
C SER A 222 -2.00 17.31 -3.74
N GLY A 223 -1.17 18.33 -3.87
CA GLY A 223 -0.34 18.73 -2.75
C GLY A 223 1.14 18.76 -3.07
N ASN A 224 1.80 19.82 -2.61
CA ASN A 224 3.26 19.94 -2.73
C ASN A 224 3.96 18.75 -2.08
N ILE A 225 4.79 18.07 -2.86
CA ILE A 225 5.34 16.78 -2.41
C ILE A 225 6.33 16.97 -1.27
N VAL A 226 7.27 17.91 -1.40
CA VAL A 226 8.25 18.13 -0.33
C VAL A 226 7.56 18.51 0.96
N ASN A 227 6.56 19.39 0.90
CA ASN A 227 5.84 19.77 2.11
C ASN A 227 5.10 18.59 2.71
N SER A 228 4.43 17.80 1.87
CA SER A 228 3.83 16.56 2.35
C SER A 228 4.83 15.68 3.09
N VAL A 229 5.99 15.42 2.48
CA VAL A 229 6.94 14.51 3.12
C VAL A 229 7.45 15.11 4.43
N ASN A 230 7.78 16.40 4.43
CA ASN A 230 8.36 17.01 5.62
C ASN A 230 7.37 17.00 6.78
N VAL A 231 6.10 17.30 6.51
CA VAL A 231 5.08 17.25 7.56
C VAL A 231 5.03 15.86 8.17
N GLN A 232 5.09 14.81 7.33
CA GLN A 232 5.09 13.45 7.85
C GLN A 232 6.33 13.17 8.70
N SER A 233 7.50 13.58 8.24
CA SER A 233 8.73 13.29 8.98
C SER A 233 8.66 13.87 10.40
N ARG A 234 8.12 15.09 10.53
CA ARG A 234 7.98 15.69 11.86
C ARG A 234 6.98 14.94 12.72
N LYS A 235 5.84 14.54 12.14
CA LYS A 235 4.89 13.71 12.88
C LYS A 235 5.57 12.46 13.43
N LEU A 236 6.41 11.82 12.60
CA LEU A 236 7.10 10.61 13.04
C LEU A 236 8.14 10.92 14.11
N LEU A 237 8.91 12.00 13.93
CA LEU A 237 9.90 12.35 14.94
C LEU A 237 9.25 12.68 16.29
N ALA A 238 8.05 13.25 16.27
CA ALA A 238 7.40 13.63 17.53
C ALA A 238 6.91 12.45 18.35
N ARG A 239 6.69 11.29 17.73
CA ARG A 239 6.15 10.15 18.47
C ARG A 239 7.25 9.33 19.15
N PHE A 240 8.52 9.66 18.95
CA PHE A 240 9.61 9.01 19.67
C PHE A 240 9.49 9.38 21.15
N GLY A 241 9.35 8.38 22.01
CA GLY A 241 9.07 8.60 23.42
C GLY A 241 7.60 8.48 23.77
N ASP A 242 6.71 8.44 22.79
CA ASP A 242 5.29 8.19 23.04
C ASP A 242 5.07 6.76 23.51
N GLN A 243 4.52 6.60 24.69
CA GLN A 243 4.27 5.28 25.25
C GLN A 243 2.82 4.83 25.09
N ARG A 244 1.92 5.71 24.62
CA ARG A 244 0.55 5.29 24.37
C ARG A 244 0.53 4.11 23.40
N GLY A 245 -0.57 3.36 23.43
CA GLY A 245 -0.67 2.18 22.61
C GLY A 245 -1.33 2.48 21.28
N PRO A 246 -1.60 1.44 20.49
CA PRO A 246 -2.40 1.61 19.28
C PRO A 246 -3.87 1.82 19.61
N ILE A 247 -4.61 2.34 18.63
CA ILE A 247 -6.06 2.43 18.71
C ILE A 247 -6.61 1.24 17.95
N ARG A 248 -7.22 0.29 18.65
CA ARG A 248 -7.68 -0.92 17.99
C ARG A 248 -9.09 -0.73 17.46
N VAL A 249 -9.29 -1.16 16.21
CA VAL A 249 -10.57 -1.01 15.52
C VAL A 249 -10.94 -2.35 14.92
N PRO A 250 -12.23 -2.57 14.64
CA PRO A 250 -12.65 -3.83 14.00
C PRO A 250 -12.04 -4.00 12.61
N GLU A 251 -11.72 -5.24 12.28
CA GLU A 251 -11.25 -5.59 10.94
C GLU A 251 -12.41 -5.54 9.96
N MET A 252 -12.09 -5.27 8.69
CA MET A 252 -13.09 -5.24 7.62
C MET A 252 -13.60 -6.64 7.32
N ASP A 253 -14.92 -6.79 7.22
CA ASP A 253 -15.57 -7.98 6.68
C ASP A 253 -16.31 -7.59 5.41
N LEU A 254 -15.80 -8.03 4.25
CA LEU A 254 -16.40 -7.65 2.97
C LEU A 254 -17.60 -8.51 2.59
N GLY A 255 -17.92 -9.54 3.37
CA GLY A 255 -18.90 -10.51 2.96
C GLY A 255 -18.31 -11.51 1.98
N VAL A 256 -19.13 -12.48 1.59
CA VAL A 256 -18.71 -13.53 0.66
C VAL A 256 -19.68 -13.60 -0.50
N GLY A 257 -19.25 -14.24 -1.57
CA GLY A 257 -20.12 -14.51 -2.70
C GLY A 257 -19.52 -14.05 -4.01
N THR A 258 -20.13 -14.49 -5.10
CA THR A 258 -19.71 -14.04 -6.41
C THR A 258 -20.35 -12.71 -6.76
N ARG A 259 -19.76 -12.03 -7.75
CA ARG A 259 -20.35 -10.90 -8.43
C ARG A 259 -20.47 -11.25 -9.90
N HIS A 260 -21.61 -10.94 -10.52
CA HIS A 260 -21.76 -11.23 -11.95
C HIS A 260 -22.37 -10.04 -12.68
C1 PEG B . -16.15 -14.39 8.45
O1 PEG B . -15.27 -13.91 7.43
C2 PEG B . -16.75 -15.72 8.02
O2 PEG B . -17.53 -15.52 6.84
C3 PEG B . -18.74 -16.29 6.85
C4 PEG B . -19.21 -16.53 5.42
O4 PEG B . -20.52 -17.10 5.43
C1 GOL C . 6.00 -2.50 9.51
O1 GOL C . 5.29 -1.70 8.59
C2 GOL C . 7.53 -2.42 9.18
O2 GOL C . 7.92 -3.25 8.17
C3 GOL C . 8.29 -2.68 10.52
O3 GOL C . 7.36 -3.04 11.50
C1 PEG D . 0.00 -8.77 12.09
O1 PEG D . 0.74 -7.63 11.62
C2 PEG D . -0.07 -9.86 11.03
O2 PEG D . -1.35 -9.86 10.39
C3 PEG D . -2.17 -10.93 10.87
C4 PEG D . -2.18 -12.06 9.85
O4 PEG D . -3.52 -12.51 9.60
N SFG E . -1.49 -4.85 -0.86
CA SFG E . -1.16 -6.16 -0.33
C SFG E . -2.21 -6.56 0.70
O SFG E . -3.13 -5.77 1.00
OXT SFG E . -2.19 -7.72 1.22
CB SFG E . 0.24 -6.19 0.29
CG SFG E . 1.35 -6.06 -0.78
CD SFG E . 2.79 -6.18 -0.22
NE SFG E . 3.02 -5.07 0.62
C5' SFG E . 3.84 -6.14 -1.38
C4' SFG E . 3.88 -7.45 -2.11
O4' SFG E . 4.59 -7.27 -3.34
C3' SFG E . 4.65 -8.51 -1.29
O3' SFG E . 3.81 -9.70 -1.14
C2' SFG E . 5.89 -8.80 -2.20
O2' SFG E . 6.18 -10.20 -2.18
C1' SFG E . 5.37 -8.44 -3.57
N9 SFG E . 6.43 -8.06 -4.52
C8 SFG E . 7.55 -7.39 -4.19
N7 SFG E . 8.30 -7.22 -5.28
C5 SFG E . 7.64 -7.79 -6.33
C6 SFG E . 7.91 -7.92 -7.71
N6 SFG E . 9.04 -7.45 -8.23
N1 SFG E . 7.01 -8.55 -8.51
C2 SFG E . 5.92 -9.02 -7.92
N3 SFG E . 5.57 -8.94 -6.65
C4 SFG E . 6.46 -8.31 -5.82
#